data_3B7Y
#
_entry.id   3B7Y
#
_cell.length_a   38.778
_cell.length_b   47.997
_cell.length_c   50.786
_cell.angle_alpha   108.89
_cell.angle_beta   111.11
_cell.angle_gamma   100.86
#
_symmetry.space_group_name_H-M   'P 1'
#
loop_
_entity.id
_entity.type
_entity.pdbx_description
1 polymer 'E3 ubiquitin-protein ligase NEDD4'
2 non-polymer 'CALCIUM ION'
3 water water
#
_entity_poly.entity_id   1
_entity_poly.type   'polypeptide(L)'
_entity_poly.pdbx_seq_one_letter_code
;GMATCAVEVFGLLEDEENSRIVRVRVIAGIGLAKKDILGASDPYVRVTLYDPMNGVLTSVQTKTIKKSLNPKWNEEILFR
VHPQQHRLLFEVFDENRLTRDDFLGQVDVPLYPLPTENPRLERPYTFKDFVLHPRSHKSRVKGYLRLKMTYLP
;
_entity_poly.pdbx_strand_id   A,B
#
# COMPACT_ATOMS: atom_id res chain seq x y z
N ALA A 3 15.76 9.50 6.89
CA ALA A 3 17.22 9.69 7.18
C ALA A 3 17.61 11.18 7.13
N THR A 4 17.43 11.81 5.97
CA THR A 4 17.40 13.26 5.88
C THR A 4 15.92 13.72 6.11
N CYS A 5 15.01 12.77 6.10
CA CYS A 5 13.63 13.07 6.42
C CYS A 5 13.29 12.55 7.83
N ALA A 6 13.07 13.46 8.77
CA ALA A 6 12.66 13.07 10.13
C ALA A 6 11.19 12.69 10.18
N VAL A 7 10.37 13.37 9.38
CA VAL A 7 8.92 13.22 9.42
C VAL A 7 8.38 13.24 7.99
N GLU A 8 7.86 12.09 7.53
CA GLU A 8 7.23 11.93 6.20
C GLU A 8 5.74 12.27 6.23
N VAL A 9 5.21 12.76 5.12
CA VAL A 9 3.75 12.93 4.99
C VAL A 9 3.28 11.88 4.00
N PHE A 10 2.30 11.07 4.41
CA PHE A 10 1.75 10.02 3.57
C PHE A 10 0.41 10.44 3.01
N GLY A 11 -0.09 9.69 2.03
CA GLY A 11 -1.42 9.99 1.51
C GLY A 11 -1.35 10.80 0.23
N LEU A 12 -2.11 11.89 0.17
CA LEU A 12 -2.06 12.77 -1.01
C LEU A 12 -0.67 13.31 -1.16
N LEU A 13 -0.19 13.37 -2.40
CA LEU A 13 1.22 13.67 -2.66
C LEU A 13 1.51 15.14 -2.95
N GLU A 14 0.49 16.00 -2.84
CA GLU A 14 0.63 17.46 -3.04
C GLU A 14 -0.57 18.21 -2.45
N ASP A 15 -0.33 19.45 -2.01
CA ASP A 15 -1.38 20.29 -1.41
C ASP A 15 -2.34 20.87 -2.44
N GLU A 16 -3.65 20.73 -2.17
CA GLU A 16 -4.72 21.35 -2.96
C GLU A 16 -5.59 22.21 -2.05
N GLU A 17 -6.53 22.94 -2.64
CA GLU A 17 -7.48 23.76 -1.87
C GLU A 17 -8.20 22.92 -0.78
N ASN A 18 -8.68 21.75 -1.16
CA ASN A 18 -9.46 20.92 -0.26
C ASN A 18 -8.63 19.91 0.54
N SER A 19 -7.33 20.16 0.71
CA SER A 19 -6.47 19.23 1.49
C SER A 19 -5.82 19.86 2.73
N ARG A 20 -5.71 19.06 3.79
CA ARG A 20 -5.10 19.44 5.05
C ARG A 20 -4.18 18.30 5.44
N ILE A 21 -3.20 18.61 6.30
CA ILE A 21 -2.34 17.55 6.87
C ILE A 21 -2.82 17.26 8.28
N VAL A 22 -3.14 16.00 8.55
CA VAL A 22 -3.60 15.59 9.89
C VAL A 22 -2.44 14.90 10.62
N ARG A 23 -2.23 15.30 11.87
CA ARG A 23 -1.24 14.68 12.72
C ARG A 23 -1.99 13.62 13.54
N VAL A 24 -1.65 12.35 13.33
CA VAL A 24 -2.31 11.24 14.05
C VAL A 24 -1.35 10.72 15.13
N ARG A 25 -1.68 10.90 16.40
CA ARG A 25 -0.87 10.32 17.47
C ARG A 25 -1.49 9.01 17.88
N VAL A 26 -0.74 7.95 17.69
CA VAL A 26 -1.13 6.61 18.16
C VAL A 26 -0.43 6.42 19.51
N ILE A 27 -1.17 6.66 20.58
CA ILE A 27 -0.52 6.83 21.88
C ILE A 27 -0.32 5.49 22.54
N ALA A 28 -1.41 4.74 22.71
CA ALA A 28 -1.33 3.49 23.47
C ALA A 28 -2.53 2.62 23.19
N GLY A 29 -2.35 1.32 23.46
CA GLY A 29 -3.46 0.38 23.54
C GLY A 29 -3.67 0.05 25.00
N ILE A 30 -4.93 -0.08 25.41
CA ILE A 30 -5.27 -0.22 26.81
C ILE A 30 -6.14 -1.46 27.03
N GLY A 31 -5.59 -2.44 27.75
CA GLY A 31 -6.30 -3.68 28.11
C GLY A 31 -6.62 -4.53 26.89
N LEU A 32 -5.63 -4.73 26.03
CA LEU A 32 -5.77 -5.56 24.83
C LEU A 32 -5.94 -7.06 25.18
N ALA A 33 -6.53 -7.82 24.27
CA ALA A 33 -6.75 -9.25 24.45
C ALA A 33 -5.46 -10.07 24.36
N SER A 41 2.35 -11.61 23.51
CA SER A 41 1.55 -10.59 22.79
C SER A 41 2.34 -9.35 22.37
N ASP A 42 2.51 -9.18 21.06
CA ASP A 42 3.43 -8.19 20.50
C ASP A 42 2.70 -7.30 19.49
N PRO A 43 1.96 -6.30 19.99
CA PRO A 43 1.05 -5.47 19.17
C PRO A 43 1.68 -4.38 18.30
N TYR A 44 1.07 -4.15 17.13
CA TYR A 44 1.34 -2.96 16.31
C TYR A 44 0.00 -2.50 15.78
N VAL A 45 -0.03 -1.30 15.20
CA VAL A 45 -1.26 -0.80 14.63
C VAL A 45 -1.00 -0.51 13.17
N ARG A 46 -1.89 -0.96 12.30
CA ARG A 46 -1.84 -0.57 10.91
C ARG A 46 -2.90 0.52 10.73
N VAL A 47 -2.51 1.67 10.20
CA VAL A 47 -3.40 2.84 10.10
C VAL A 47 -3.64 3.05 8.62
N THR A 48 -4.87 2.81 8.17
CA THR A 48 -5.21 2.81 6.75
C THR A 48 -6.05 4.06 6.46
N LEU A 49 -5.60 4.83 5.46
CA LEU A 49 -6.31 6.00 4.98
C LEU A 49 -7.11 5.58 3.75
N TYR A 50 -8.40 5.82 3.78
CA TYR A 50 -9.26 5.42 2.67
C TYR A 50 -10.32 6.43 2.28
N ASP A 51 -10.89 6.24 1.11
CA ASP A 51 -11.98 7.04 0.61
C ASP A 51 -13.12 6.05 0.34
N PRO A 52 -14.30 6.32 0.88
CA PRO A 52 -15.45 5.43 0.65
C PRO A 52 -15.69 5.02 -0.80
N MET A 53 -15.51 5.96 -1.73
CA MET A 53 -15.81 5.69 -3.12
C MET A 53 -14.69 4.94 -3.84
N ASN A 54 -13.45 5.14 -3.41
CA ASN A 54 -12.28 4.58 -4.09
C ASN A 54 -11.43 3.58 -3.32
N GLY A 55 -11.73 3.37 -2.04
CA GLY A 55 -10.96 2.43 -1.26
C GLY A 55 -9.64 3.02 -0.72
N VAL A 56 -8.65 2.16 -0.57
CA VAL A 56 -7.49 2.54 0.24
C VAL A 56 -6.55 3.47 -0.53
N LEU A 57 -6.11 4.56 0.11
CA LEU A 57 -5.10 5.45 -0.47
C LEU A 57 -3.75 4.93 -0.06
N THR A 58 -3.59 4.71 1.26
CA THR A 58 -2.33 4.18 1.81
C THR A 58 -2.49 3.66 3.22
N SER A 59 -1.48 2.95 3.72
CA SER A 59 -1.49 2.56 5.15
C SER A 59 -0.05 2.68 5.67
N VAL A 60 0.06 2.85 6.98
CA VAL A 60 1.36 2.98 7.66
C VAL A 60 1.22 2.09 8.91
N GLN A 61 2.30 1.37 9.24
CA GLN A 61 2.27 0.46 10.39
C GLN A 61 3.17 1.03 11.47
N THR A 62 2.70 1.04 12.72
CA THR A 62 3.55 1.47 13.85
C THR A 62 4.65 0.45 14.10
N LYS A 63 5.59 0.78 14.98
CA LYS A 63 6.56 -0.17 15.47
C LYS A 63 5.78 -1.25 16.22
N THR A 64 6.41 -2.40 16.40
CA THR A 64 5.84 -3.47 17.21
C THR A 64 6.36 -3.39 18.65
N ILE A 65 5.46 -3.44 19.64
CA ILE A 65 5.90 -3.50 21.04
C ILE A 65 5.91 -4.96 21.52
N LYS A 66 7.08 -5.46 21.94
CA LYS A 66 7.20 -6.85 22.36
C LYS A 66 6.56 -7.13 23.72
N LYS A 67 5.79 -8.21 23.79
CA LYS A 67 5.20 -8.77 25.03
C LYS A 67 4.49 -7.77 25.96
N SER A 68 3.38 -7.20 25.48
CA SER A 68 2.62 -6.20 26.23
C SER A 68 1.14 -6.22 25.88
N LEU A 69 0.30 -6.14 26.92
CA LEU A 69 -1.15 -5.97 26.71
C LEU A 69 -1.56 -4.52 26.91
N ASN A 70 -0.61 -3.67 27.29
CA ASN A 70 -0.82 -2.22 27.29
C ASN A 70 0.35 -1.50 26.62
N PRO A 71 0.45 -1.64 25.30
CA PRO A 71 1.56 -1.06 24.54
C PRO A 71 1.50 0.46 24.47
N LYS A 72 2.66 1.10 24.63
CA LYS A 72 2.77 2.55 24.56
C LYS A 72 3.57 2.92 23.32
N TRP A 73 2.93 2.88 22.16
CA TRP A 73 3.63 3.20 20.92
C TRP A 73 4.12 4.62 20.90
N ASN A 74 3.24 5.53 21.35
CA ASN A 74 3.54 6.96 21.37
C ASN A 74 4.19 7.42 20.06
N GLU A 75 3.52 7.09 18.95
CA GLU A 75 4.05 7.33 17.62
C GLU A 75 3.12 8.29 16.86
N GLU A 76 3.70 9.18 16.06
CA GLU A 76 2.93 10.15 15.27
C GLU A 76 3.06 9.83 13.80
N ILE A 77 1.96 9.91 13.07
CA ILE A 77 1.97 9.73 11.62
C ILE A 77 1.24 10.90 10.99
N LEU A 78 1.85 11.51 9.97
CA LEU A 78 1.19 12.58 9.24
C LEU A 78 0.60 12.07 7.93
N PHE A 79 -0.68 12.39 7.70
CA PHE A 79 -1.32 12.12 6.41
C PHE A 79 -1.83 13.39 5.75
N ARG A 80 -1.61 13.53 4.45
CA ARG A 80 -2.27 14.60 3.69
C ARG A 80 -3.58 14.06 3.14
N VAL A 81 -4.68 14.74 3.46
CA VAL A 81 -6.05 14.21 3.32
C VAL A 81 -7.07 15.23 2.76
N HIS A 82 -8.20 14.72 2.25
CA HIS A 82 -9.40 15.53 2.02
C HIS A 82 -10.24 15.30 3.27
N PRO A 83 -10.21 16.24 4.23
CA PRO A 83 -10.77 15.91 5.56
C PRO A 83 -12.24 15.54 5.60
N GLN A 84 -13.03 16.05 4.64
CA GLN A 84 -14.47 15.76 4.67
C GLN A 84 -14.86 14.51 3.90
N GLN A 85 -13.89 13.88 3.27
CA GLN A 85 -14.11 12.74 2.38
C GLN A 85 -13.37 11.52 2.90
N HIS A 86 -12.09 11.68 3.23
CA HIS A 86 -11.27 10.55 3.68
C HIS A 86 -11.60 10.11 5.11
N ARG A 87 -11.31 8.85 5.40
CA ARG A 87 -11.45 8.31 6.76
C ARG A 87 -10.21 7.49 7.12
N LEU A 88 -10.08 7.17 8.42
CA LEU A 88 -8.97 6.35 8.92
C LEU A 88 -9.51 5.08 9.56
N LEU A 89 -8.91 3.94 9.20
CA LEU A 89 -9.22 2.66 9.83
C LEU A 89 -7.98 2.25 10.59
N PHE A 90 -8.09 2.08 11.92
CA PHE A 90 -6.97 1.60 12.74
C PHE A 90 -7.23 0.13 13.02
N GLU A 91 -6.27 -0.74 12.69
CA GLU A 91 -6.40 -2.19 13.03
C GLU A 91 -5.18 -2.58 13.86
N VAL A 92 -5.43 -3.15 15.03
CA VAL A 92 -4.36 -3.58 15.93
C VAL A 92 -4.15 -5.08 15.70
N PHE A 93 -2.87 -5.47 15.59
CA PHE A 93 -2.51 -6.88 15.38
C PHE A 93 -1.42 -7.30 16.36
N ASP A 94 -1.35 -8.61 16.58
CA ASP A 94 -0.31 -9.24 17.37
C ASP A 94 0.64 -9.90 16.36
N GLU A 95 1.87 -9.41 16.27
CA GLU A 95 2.84 -9.90 15.29
C GLU A 95 3.34 -11.27 15.69
N ASN A 96 3.10 -12.26 14.83
CA ASN A 96 3.62 -13.60 15.01
C ASN A 96 4.69 -13.88 13.98
N ARG A 97 5.84 -14.40 14.44
CA ARG A 97 7.03 -14.55 13.62
C ARG A 97 6.89 -15.56 12.49
N LEU A 98 6.21 -16.67 12.76
CA LEU A 98 6.17 -17.79 11.82
C LEU A 98 4.79 -18.09 11.23
N THR A 99 3.78 -17.31 11.63
CA THR A 99 2.39 -17.54 11.21
C THR A 99 1.66 -16.22 10.92
N ARG A 100 0.35 -16.31 10.70
CA ARG A 100 -0.49 -15.14 10.54
C ARG A 100 -0.52 -14.32 11.84
N ASP A 101 -0.55 -12.99 11.69
CA ASP A 101 -0.73 -12.08 12.84
C ASP A 101 -2.20 -12.09 13.27
N ASP A 102 -2.42 -12.16 14.58
CA ASP A 102 -3.76 -12.22 15.15
C ASP A 102 -4.32 -10.82 15.29
N PHE A 103 -5.61 -10.70 15.04
CA PHE A 103 -6.28 -9.41 15.02
C PHE A 103 -6.69 -9.07 16.44
N LEU A 104 -6.42 -7.85 16.89
CA LEU A 104 -6.79 -7.42 18.24
C LEU A 104 -7.83 -6.29 18.25
N GLY A 105 -8.30 -5.87 17.08
CA GLY A 105 -9.44 -4.94 17.03
C GLY A 105 -9.25 -3.73 16.14
N GLN A 106 -10.35 -3.05 15.83
CA GLN A 106 -10.31 -1.91 14.90
C GLN A 106 -11.12 -0.72 15.39
N VAL A 107 -10.76 0.45 14.85
CA VAL A 107 -11.46 1.71 15.15
C VAL A 107 -11.56 2.41 13.80
N ASP A 108 -12.72 2.98 13.47
CA ASP A 108 -12.89 3.65 12.17
C ASP A 108 -13.43 5.05 12.42
N VAL A 109 -12.70 6.08 11.99
CA VAL A 109 -13.07 7.48 12.31
C VAL A 109 -13.03 8.43 11.11
N PRO A 110 -13.89 9.49 11.13
CA PRO A 110 -13.84 10.54 10.12
C PRO A 110 -12.65 11.46 10.42
N LEU A 111 -12.36 12.36 9.49
CA LEU A 111 -11.24 13.29 9.63
C LEU A 111 -11.68 14.78 9.68
N TYR A 112 -12.96 15.01 9.92
CA TYR A 112 -13.51 16.36 10.09
C TYR A 112 -14.76 16.19 10.94
N PRO A 113 -14.98 17.09 11.91
CA PRO A 113 -14.09 18.19 12.33
C PRO A 113 -12.99 17.76 13.29
N LEU A 114 -11.86 18.45 13.23
CA LEU A 114 -10.73 18.24 14.14
C LEU A 114 -10.13 19.59 14.46
N PRO A 115 -9.50 19.74 15.65
CA PRO A 115 -8.89 21.02 16.00
C PRO A 115 -7.68 21.32 15.14
N THR A 116 -7.43 22.61 14.92
CA THR A 116 -6.20 23.04 14.23
C THR A 116 -5.19 23.49 15.27
N GLU A 117 -3.97 23.01 15.11
CA GLU A 117 -2.85 23.40 15.97
C GLU A 117 -2.55 24.89 15.88
N ASN A 118 -2.11 25.44 17.01
CA ASN A 118 -1.64 26.82 17.06
C ASN A 118 -0.12 26.79 17.07
N PRO A 119 0.50 27.26 15.98
CA PRO A 119 1.96 27.33 15.80
C PRO A 119 2.69 28.12 16.89
N ARG A 120 2.02 29.08 17.52
CA ARG A 120 2.65 29.93 18.54
C ARG A 120 2.76 29.24 19.91
N LEU A 121 1.80 28.34 20.19
CA LEU A 121 1.73 27.63 21.47
C LEU A 121 2.19 26.19 21.33
N GLU A 122 2.63 25.59 22.44
CA GLU A 122 3.02 24.18 22.41
C GLU A 122 1.80 23.27 22.35
N ARG A 123 1.94 22.17 21.60
CA ARG A 123 0.87 21.18 21.49
C ARG A 123 0.58 20.59 22.88
N PRO A 124 -0.64 20.79 23.38
CA PRO A 124 -0.96 20.26 24.70
C PRO A 124 -1.18 18.77 24.62
N TYR A 125 -0.96 18.06 25.72
CA TYR A 125 -1.23 16.63 25.70
C TYR A 125 -2.71 16.42 26.04
N THR A 126 -3.47 15.93 25.07
CA THR A 126 -4.85 15.49 25.32
C THR A 126 -5.08 14.24 24.47
N PHE A 127 -6.19 13.56 24.68
CA PHE A 127 -6.42 12.32 23.94
C PHE A 127 -7.89 11.92 24.04
N LYS A 128 -8.29 10.96 23.22
CA LYS A 128 -9.57 10.29 23.34
C LYS A 128 -9.36 8.79 23.25
N ASP A 129 -10.14 8.05 24.05
CA ASP A 129 -10.12 6.59 24.00
C ASP A 129 -11.25 6.09 23.11
N PHE A 130 -10.90 5.21 22.18
CA PHE A 130 -11.84 4.62 21.24
C PHE A 130 -11.92 3.11 21.51
N VAL A 131 -13.14 2.60 21.73
CA VAL A 131 -13.40 1.18 21.96
C VAL A 131 -12.98 0.37 20.73
N LEU A 132 -12.21 -0.70 20.95
CA LEU A 132 -11.80 -1.57 19.84
C LEU A 132 -12.96 -2.49 19.44
N HIS A 133 -13.19 -2.63 18.13
CA HIS A 133 -14.34 -3.40 17.57
C HIS A 133 -13.89 -4.65 16.85
N PRO A 134 -14.74 -5.70 16.85
CA PRO A 134 -14.45 -6.91 16.10
C PRO A 134 -14.51 -6.66 14.58
N ARG A 135 -13.84 -7.52 13.81
CA ARG A 135 -13.94 -7.42 12.34
C ARG A 135 -14.71 -8.61 11.77
N SER A 136 -15.03 -9.58 12.63
CA SER A 136 -15.96 -10.69 12.28
C SER A 136 -16.55 -11.30 13.56
N HIS A 137 -17.52 -12.20 13.41
CA HIS A 137 -18.09 -12.91 14.57
C HIS A 137 -17.01 -13.72 15.35
N LYS A 138 -15.88 -13.94 14.69
CA LYS A 138 -14.75 -14.71 15.23
C LYS A 138 -13.81 -13.89 16.10
N SER A 139 -13.76 -12.58 15.84
CA SER A 139 -12.87 -11.70 16.61
C SER A 139 -13.14 -11.82 18.10
N ARG A 140 -12.06 -11.88 18.88
CA ARG A 140 -12.11 -11.77 20.34
C ARG A 140 -11.25 -10.57 20.74
N VAL A 141 -11.93 -9.46 21.00
CA VAL A 141 -11.30 -8.16 21.08
C VAL A 141 -11.70 -7.55 22.42
N LYS A 142 -10.76 -6.80 23.01
CA LYS A 142 -10.93 -6.10 24.28
C LYS A 142 -10.19 -4.75 24.26
N GLY A 143 -10.67 -3.83 25.07
CA GLY A 143 -9.91 -2.63 25.37
C GLY A 143 -10.13 -1.47 24.43
N TYR A 144 -9.17 -0.55 24.46
CA TYR A 144 -9.31 0.73 23.78
C TYR A 144 -8.03 1.10 23.09
N LEU A 145 -8.16 1.95 22.07
CA LEU A 145 -7.04 2.60 21.45
C LEU A 145 -7.07 4.09 21.81
N ARG A 146 -5.95 4.57 22.34
CA ARG A 146 -5.82 5.97 22.75
C ARG A 146 -5.15 6.77 21.65
N LEU A 147 -5.84 7.82 21.18
CA LEU A 147 -5.45 8.55 19.97
C LEU A 147 -5.64 10.04 20.12
N LYS A 148 -4.88 10.80 19.34
CA LYS A 148 -5.14 12.24 19.21
C LYS A 148 -4.92 12.63 17.76
N MET A 149 -5.90 13.33 17.18
CA MET A 149 -5.84 13.79 15.78
C MET A 149 -6.10 15.28 15.72
N THR A 150 -5.19 16.01 15.03
CA THR A 150 -5.28 17.48 14.89
C THR A 150 -4.77 17.86 13.52
N TYR A 151 -5.17 19.02 13.00
N TYR A 151 -5.11 19.06 13.05
CA TYR A 151 -4.66 19.52 11.74
CA TYR A 151 -4.66 19.54 11.78
C TYR A 151 -3.42 20.36 12.02
C TYR A 151 -3.51 20.52 11.91
N LEU A 152 -2.49 20.32 11.08
CA LEU A 152 -1.36 21.25 11.04
C LEU A 152 -1.88 22.59 10.57
N PRO A 153 -1.25 23.70 11.03
CA PRO A 153 -1.59 25.04 10.53
C PRO A 153 -1.31 25.16 9.03
N ALA B 3 -8.69 -18.33 -27.86
CA ALA B 3 -10.17 -18.50 -27.67
C ALA B 3 -10.49 -19.80 -26.94
N THR B 4 -9.48 -20.66 -26.81
CA THR B 4 -9.58 -21.95 -26.11
C THR B 4 -8.82 -21.93 -24.76
N CYS B 5 -8.05 -20.87 -24.54
CA CYS B 5 -7.27 -20.72 -23.33
C CYS B 5 -7.73 -19.48 -22.59
N ALA B 6 -8.30 -19.67 -21.39
CA ALA B 6 -8.76 -18.55 -20.56
C ALA B 6 -7.60 -17.91 -19.81
N VAL B 7 -6.68 -18.75 -19.37
CA VAL B 7 -5.61 -18.28 -18.55
C VAL B 7 -4.34 -18.92 -19.07
N GLU B 8 -3.45 -18.10 -19.61
CA GLU B 8 -2.13 -18.54 -20.02
C GLU B 8 -1.12 -18.47 -18.87
N VAL B 9 -0.09 -19.31 -18.92
CA VAL B 9 1.05 -19.27 -17.99
C VAL B 9 2.28 -18.84 -18.78
N PHE B 10 2.96 -17.79 -18.34
CA PHE B 10 4.13 -17.27 -19.05
C PHE B 10 5.43 -17.61 -18.33
N GLY B 11 6.56 -17.35 -18.99
CA GLY B 11 7.84 -17.60 -18.35
C GLY B 11 8.36 -18.97 -18.76
N LEU B 12 8.65 -19.81 -17.77
CA LEU B 12 9.15 -21.15 -18.05
C LEU B 12 8.05 -21.94 -18.78
N LEU B 13 8.40 -22.51 -19.92
CA LEU B 13 7.40 -23.09 -20.82
C LEU B 13 7.08 -24.55 -20.48
N GLU B 14 7.98 -25.17 -19.72
CA GLU B 14 7.77 -26.53 -19.27
C GLU B 14 7.77 -26.57 -17.75
N ASP B 15 6.98 -27.48 -17.21
CA ASP B 15 7.03 -27.76 -15.78
C ASP B 15 8.42 -28.29 -15.33
N GLU B 16 9.37 -27.37 -15.21
CA GLU B 16 10.72 -27.72 -14.79
C GLU B 16 10.69 -28.08 -13.33
N GLU B 17 11.62 -28.91 -12.89
CA GLU B 17 11.75 -29.24 -11.47
C GLU B 17 11.99 -28.00 -10.59
N ASN B 18 11.23 -27.89 -9.51
CA ASN B 18 11.40 -26.77 -8.58
C ASN B 18 10.87 -25.46 -9.09
N SER B 19 10.21 -25.49 -10.25
CA SER B 19 9.44 -24.34 -10.66
C SER B 19 8.13 -24.33 -9.89
N ARG B 20 7.54 -23.14 -9.74
CA ARG B 20 6.22 -22.95 -9.13
C ARG B 20 5.55 -21.89 -9.99
N ILE B 21 4.23 -21.77 -9.90
CA ILE B 21 3.49 -20.77 -10.65
C ILE B 21 3.07 -19.70 -9.65
N VAL B 22 3.45 -18.47 -9.93
CA VAL B 22 3.09 -17.33 -9.09
C VAL B 22 1.93 -16.63 -9.77
N ARG B 23 0.94 -16.25 -8.97
CA ARG B 23 -0.20 -15.51 -9.44
C ARG B 23 0.12 -14.07 -9.10
N VAL B 24 0.32 -13.23 -10.13
CA VAL B 24 0.61 -11.81 -9.92
C VAL B 24 -0.66 -10.99 -10.19
N ARG B 25 -1.25 -10.42 -9.15
CA ARG B 25 -2.38 -9.53 -9.37
C ARG B 25 -1.86 -8.08 -9.43
N VAL B 26 -1.99 -7.46 -10.60
CA VAL B 26 -1.62 -6.05 -10.78
C VAL B 26 -2.90 -5.29 -10.51
N ILE B 27 -2.96 -4.69 -9.32
CA ILE B 27 -4.26 -4.24 -8.82
C ILE B 27 -4.54 -2.80 -9.28
N ALA B 28 -3.62 -1.88 -8.97
CA ALA B 28 -3.88 -0.48 -9.21
C ALA B 28 -2.59 0.32 -9.20
N GLY B 29 -2.65 1.49 -9.84
CA GLY B 29 -1.65 2.55 -9.61
C GLY B 29 -2.29 3.66 -8.82
N ILE B 30 -1.55 4.23 -7.87
CA ILE B 30 -2.14 5.25 -6.96
C ILE B 30 -1.33 6.53 -7.04
N GLY B 31 -1.93 7.60 -7.53
CA GLY B 31 -1.27 8.91 -7.52
C GLY B 31 -0.14 9.02 -8.51
N LEU B 32 -0.33 8.48 -9.72
CA LEU B 32 0.69 8.56 -10.77
C LEU B 32 0.97 10.00 -11.22
N ALA B 33 2.17 10.21 -11.76
CA ALA B 33 2.62 11.55 -12.19
C ALA B 33 1.77 12.07 -13.34
N LYS B 34 1.30 13.30 -13.24
CA LYS B 34 0.63 13.98 -14.35
C LYS B 34 1.64 14.21 -15.52
N LYS B 35 1.28 13.79 -16.73
CA LYS B 35 2.14 14.00 -17.90
C LYS B 35 1.60 15.09 -18.82
N ASP B 36 0.33 15.47 -18.61
CA ASP B 36 -0.35 16.49 -19.43
C ASP B 36 -1.37 17.18 -18.54
N ILE B 37 -1.89 18.34 -18.96
CA ILE B 37 -2.70 19.18 -18.03
C ILE B 37 -4.00 18.54 -17.54
N LEU B 38 -4.52 17.60 -18.32
CA LEU B 38 -5.83 17.00 -18.04
C LEU B 38 -5.69 15.73 -17.23
N GLY B 39 -4.45 15.35 -16.99
CA GLY B 39 -4.14 14.07 -16.36
C GLY B 39 -4.67 12.94 -17.21
N ALA B 40 -4.65 13.13 -18.54
CA ALA B 40 -5.20 12.14 -19.50
C ALA B 40 -4.24 10.98 -19.82
N SER B 41 -3.60 10.41 -18.80
CA SER B 41 -2.74 9.25 -19.02
C SER B 41 -3.63 8.05 -19.30
N ASP B 42 -3.10 7.14 -20.12
CA ASP B 42 -3.73 5.86 -20.40
C ASP B 42 -2.73 4.80 -19.92
N PRO B 43 -2.72 4.54 -18.61
CA PRO B 43 -1.66 3.66 -18.07
C PRO B 43 -1.82 2.17 -18.31
N TYR B 44 -0.68 1.52 -18.58
CA TYR B 44 -0.61 0.07 -18.53
C TYR B 44 0.70 -0.33 -17.84
N VAL B 45 0.84 -1.61 -17.50
CA VAL B 45 2.08 -2.07 -16.86
C VAL B 45 2.68 -3.17 -17.71
N ARG B 46 3.98 -3.07 -17.99
CA ARG B 46 4.71 -4.17 -18.60
C ARG B 46 5.40 -4.92 -17.45
N VAL B 47 5.16 -6.22 -17.38
CA VAL B 47 5.71 -7.06 -16.29
C VAL B 47 6.72 -8.01 -16.93
N THR B 48 7.97 -7.90 -16.51
CA THR B 48 9.07 -8.65 -17.10
C THR B 48 9.61 -9.63 -16.06
N LEU B 49 9.63 -10.89 -16.42
CA LEU B 49 10.25 -11.92 -15.63
C LEU B 49 11.72 -12.02 -16.10
N TYR B 50 12.67 -11.92 -15.18
CA TYR B 50 14.10 -12.03 -15.56
C TYR B 50 14.90 -12.82 -14.52
N ASP B 51 16.07 -13.26 -14.96
CA ASP B 51 17.04 -13.96 -14.16
C ASP B 51 18.27 -13.05 -14.14
N PRO B 52 18.69 -12.63 -12.94
CA PRO B 52 19.89 -11.80 -12.83
C PRO B 52 21.09 -12.30 -13.64
N MET B 53 21.27 -13.62 -13.71
CA MET B 53 22.46 -14.18 -14.37
C MET B 53 22.31 -14.35 -15.85
N ASN B 54 21.12 -14.08 -16.40
CA ASN B 54 20.82 -14.35 -17.82
C ASN B 54 20.02 -13.29 -18.53
N GLY B 55 19.30 -12.47 -17.78
CA GLY B 55 18.47 -11.47 -18.38
C GLY B 55 17.03 -11.94 -18.54
N VAL B 56 16.32 -11.28 -19.45
CA VAL B 56 14.87 -11.42 -19.60
C VAL B 56 14.45 -12.78 -20.10
N LEU B 57 13.44 -13.35 -19.46
CA LEU B 57 12.79 -14.56 -19.97
C LEU B 57 11.62 -14.17 -20.82
N THR B 58 10.71 -13.35 -20.27
CA THR B 58 9.51 -12.98 -21.01
C THR B 58 8.96 -11.68 -20.48
N SER B 59 8.08 -11.04 -21.25
CA SER B 59 7.35 -9.89 -20.69
C SER B 59 5.91 -9.93 -21.14
N VAL B 60 5.05 -9.35 -20.32
CA VAL B 60 3.60 -9.40 -20.49
C VAL B 60 3.07 -8.01 -20.13
N GLN B 61 2.09 -7.55 -20.91
CA GLN B 61 1.58 -6.23 -20.73
C GLN B 61 0.15 -6.33 -20.25
N THR B 62 -0.21 -5.57 -19.23
CA THR B 62 -1.63 -5.49 -18.80
C THR B 62 -2.48 -4.77 -19.83
N LYS B 63 -3.79 -4.82 -19.67
CA LYS B 63 -4.69 -3.96 -20.44
C LYS B 63 -4.39 -2.49 -20.11
N THR B 64 -4.77 -1.61 -21.03
CA THR B 64 -4.63 -0.17 -20.81
C THR B 64 -5.91 0.38 -20.21
N ILE B 65 -5.76 1.21 -19.18
CA ILE B 65 -6.90 1.94 -18.60
C ILE B 65 -6.87 3.36 -19.18
N LYS B 66 -8.04 3.86 -19.58
CA LYS B 66 -8.12 5.15 -20.25
C LYS B 66 -8.30 6.33 -19.30
N LYS B 67 -7.48 7.37 -19.45
CA LYS B 67 -7.70 8.68 -18.79
C LYS B 67 -7.77 8.59 -17.25
N SER B 68 -6.68 8.18 -16.65
CA SER B 68 -6.67 8.01 -15.19
C SER B 68 -5.26 8.04 -14.66
N LEU B 69 -5.06 8.78 -13.56
CA LEU B 69 -3.82 8.72 -12.76
C LEU B 69 -3.98 7.80 -11.54
N ASN B 70 -5.13 7.14 -11.45
CA ASN B 70 -5.39 6.15 -10.41
C ASN B 70 -6.02 4.90 -11.07
N PRO B 71 -5.31 4.30 -12.04
CA PRO B 71 -5.86 3.19 -12.83
C PRO B 71 -6.11 1.96 -11.95
N LYS B 72 -7.23 1.26 -12.18
CA LYS B 72 -7.56 0.06 -11.41
C LYS B 72 -7.60 -1.11 -12.40
N TRP B 73 -6.46 -1.73 -12.62
CA TRP B 73 -6.37 -2.81 -13.58
C TRP B 73 -7.03 -4.07 -13.10
N ASN B 74 -6.84 -4.39 -11.82
CA ASN B 74 -7.30 -5.68 -11.30
C ASN B 74 -7.08 -6.88 -12.19
N GLU B 75 -5.85 -7.01 -12.67
CA GLU B 75 -5.51 -8.00 -13.68
C GLU B 75 -4.54 -9.02 -13.14
N GLU B 76 -4.85 -10.30 -13.32
CA GLU B 76 -3.96 -11.38 -12.92
C GLU B 76 -3.14 -11.88 -14.08
N ILE B 77 -1.85 -12.13 -13.81
CA ILE B 77 -0.96 -12.78 -14.78
C ILE B 77 -0.27 -13.91 -14.03
N LEU B 78 -0.18 -15.08 -14.65
CA LEU B 78 0.49 -16.23 -14.07
C LEU B 78 1.84 -16.45 -14.73
N PHE B 79 2.86 -16.63 -13.90
CA PHE B 79 4.18 -16.94 -14.44
C PHE B 79 4.71 -18.23 -13.81
N ARG B 80 5.32 -19.08 -14.63
CA ARG B 80 6.04 -20.23 -14.08
C ARG B 80 7.48 -19.77 -13.88
N VAL B 81 7.97 -19.95 -12.65
CA VAL B 81 9.25 -19.33 -12.22
C VAL B 81 10.10 -20.24 -11.35
N HIS B 82 11.39 -19.89 -11.20
CA HIS B 82 12.27 -20.41 -10.14
C HIS B 82 12.24 -19.40 -8.98
N PRO B 83 11.45 -19.68 -7.90
CA PRO B 83 11.16 -18.64 -6.91
C PRO B 83 12.41 -17.93 -6.33
N GLN B 84 13.48 -18.68 -6.09
CA GLN B 84 14.66 -18.08 -5.46
C GLN B 84 15.67 -17.47 -6.41
N GLN B 85 15.47 -17.66 -7.72
CA GLN B 85 16.40 -17.08 -8.71
C GLN B 85 15.78 -15.92 -9.49
N HIS B 86 14.54 -16.08 -9.91
CA HIS B 86 13.93 -15.11 -10.80
C HIS B 86 13.41 -13.90 -10.03
N ARG B 87 13.24 -12.81 -10.76
CA ARG B 87 12.67 -11.57 -10.21
C ARG B 87 11.66 -11.00 -11.20
N LEU B 88 10.86 -10.05 -10.75
CA LEU B 88 9.92 -9.32 -11.63
C LEU B 88 10.23 -7.84 -11.63
N LEU B 89 10.24 -7.25 -12.84
CA LEU B 89 10.35 -5.80 -12.99
C LEU B 89 9.01 -5.37 -13.56
N PHE B 90 8.34 -4.46 -12.86
CA PHE B 90 7.11 -3.85 -13.33
C PHE B 90 7.45 -2.47 -13.83
N GLU B 91 7.05 -2.12 -15.06
CA GLU B 91 7.28 -0.75 -15.56
C GLU B 91 5.94 -0.18 -16.01
N VAL B 92 5.57 0.97 -15.44
CA VAL B 92 4.27 1.56 -15.75
C VAL B 92 4.47 2.56 -16.87
N PHE B 93 3.62 2.50 -17.90
CA PHE B 93 3.79 3.41 -19.05
C PHE B 93 2.45 4.10 -19.39
N ASP B 94 2.54 5.25 -20.04
CA ASP B 94 1.37 6.01 -20.45
C ASP B 94 1.20 5.75 -21.95
N GLU B 95 0.14 5.03 -22.34
CA GLU B 95 -0.06 4.69 -23.76
C GLU B 95 -0.33 5.92 -24.58
N ASN B 96 -0.88 6.95 -23.95
CA ASN B 96 -1.15 8.20 -24.65
C ASN B 96 0.16 8.84 -25.17
N ARG B 97 1.30 8.41 -24.64
CA ARG B 97 2.60 9.03 -24.91
C ARG B 97 3.62 8.10 -25.61
N LEU B 98 3.13 7.05 -26.24
CA LEU B 98 3.93 6.16 -27.02
C LEU B 98 4.77 6.97 -28.02
N THR B 99 6.07 6.67 -28.05
CA THR B 99 7.10 7.33 -28.85
C THR B 99 7.60 8.64 -28.23
N ARG B 100 6.96 9.05 -27.13
N ARG B 100 6.99 9.03 -27.11
CA ARG B 100 7.36 10.25 -26.40
CA ARG B 100 7.38 10.25 -26.40
C ARG B 100 7.79 9.84 -24.98
C ARG B 100 7.90 9.89 -24.99
N ASP B 101 7.70 10.77 -24.03
CA ASP B 101 8.12 10.49 -22.65
C ASP B 101 7.01 9.72 -21.91
N ASP B 102 7.05 8.40 -22.01
CA ASP B 102 5.89 7.64 -21.57
C ASP B 102 6.08 6.94 -20.23
N PHE B 103 7.23 7.11 -19.59
CA PHE B 103 7.51 6.27 -18.43
C PHE B 103 6.91 6.84 -17.16
N LEU B 104 6.20 5.99 -16.42
CA LEU B 104 5.55 6.40 -15.18
C LEU B 104 6.13 5.75 -13.90
N GLY B 105 7.14 4.91 -14.04
CA GLY B 105 7.83 4.38 -12.85
C GLY B 105 8.01 2.88 -12.83
N GLN B 106 8.94 2.38 -12.00
CA GLN B 106 9.15 0.94 -11.94
C GLN B 106 9.25 0.41 -10.53
N VAL B 107 9.06 -0.90 -10.42
CA VAL B 107 9.18 -1.60 -9.14
C VAL B 107 9.91 -2.90 -9.48
N ASP B 108 10.85 -3.31 -8.63
CA ASP B 108 11.64 -4.54 -8.94
C ASP B 108 11.62 -5.40 -7.68
N VAL B 109 11.05 -6.61 -7.76
CA VAL B 109 10.84 -7.44 -6.55
C VAL B 109 11.31 -8.88 -6.73
N PRO B 110 11.75 -9.53 -5.64
CA PRO B 110 12.12 -10.94 -5.66
C PRO B 110 10.85 -11.80 -5.67
N LEU B 111 11.02 -13.09 -5.98
CA LEU B 111 9.90 -14.01 -6.05
C LEU B 111 9.87 -14.99 -4.87
N TYR B 112 10.70 -14.70 -3.85
CA TYR B 112 10.77 -15.52 -2.64
C TYR B 112 11.21 -14.60 -1.50
N PRO B 113 10.60 -14.76 -0.32
CA PRO B 113 9.47 -15.63 0.03
C PRO B 113 8.13 -14.99 -0.36
N LEU B 114 7.21 -15.80 -0.85
CA LEU B 114 5.82 -15.40 -1.03
C LEU B 114 4.91 -16.48 -0.45
N PRO B 115 3.73 -16.10 0.07
CA PRO B 115 2.88 -17.15 0.61
C PRO B 115 2.23 -18.00 -0.45
N THR B 116 1.93 -19.25 -0.10
CA THR B 116 1.15 -20.14 -0.93
C THR B 116 -0.32 -19.92 -0.63
N GLU B 117 -1.15 -19.91 -1.68
CA GLU B 117 -2.63 -19.95 -1.51
C GLU B 117 -3.13 -21.18 -0.77
N ASN B 118 -4.21 -21.00 0.01
CA ASN B 118 -4.86 -22.09 0.76
C ASN B 118 -5.37 -23.23 -0.15
N PRO B 124 -7.85 -14.91 3.32
CA PRO B 124 -7.30 -14.25 2.12
C PRO B 124 -6.09 -13.36 2.42
N TYR B 125 -5.00 -13.55 1.67
CA TYR B 125 -3.87 -12.62 1.71
C TYR B 125 -4.28 -11.33 1.03
N THR B 126 -3.66 -10.22 1.42
CA THR B 126 -4.10 -8.96 0.85
C THR B 126 -2.95 -8.27 0.14
N PHE B 127 -3.19 -7.06 -0.35
CA PHE B 127 -2.20 -6.42 -1.24
C PHE B 127 -1.08 -5.68 -0.47
N LYS B 128 -0.04 -5.28 -1.22
CA LYS B 128 1.01 -4.40 -0.73
C LYS B 128 1.24 -3.30 -1.75
N ASP B 129 1.55 -2.09 -1.29
CA ASP B 129 1.91 -1.00 -2.19
C ASP B 129 3.44 -0.87 -2.26
N PHE B 130 3.93 -0.58 -3.45
CA PHE B 130 5.35 -0.45 -3.74
C PHE B 130 5.58 0.92 -4.36
N VAL B 131 6.49 1.69 -3.79
CA VAL B 131 6.77 3.01 -4.37
C VAL B 131 7.35 2.87 -5.79
N LEU B 132 6.88 3.71 -6.71
CA LEU B 132 7.38 3.70 -8.09
C LEU B 132 8.69 4.48 -8.13
N HIS B 133 9.68 3.91 -8.83
CA HIS B 133 11.05 4.43 -8.89
C HIS B 133 11.38 4.99 -10.28
N PRO B 134 12.26 6.00 -10.36
CA PRO B 134 12.67 6.48 -11.67
C PRO B 134 13.64 5.50 -12.33
N ARG B 135 13.88 5.69 -13.62
CA ARG B 135 14.75 4.76 -14.34
C ARG B 135 16.00 5.48 -14.79
N SER B 136 15.99 6.80 -14.62
CA SER B 136 17.10 7.63 -15.00
C SER B 136 16.92 8.95 -14.27
N HIS B 137 17.93 9.83 -14.35
CA HIS B 137 17.82 11.14 -13.71
C HIS B 137 16.81 12.05 -14.44
N LYS B 138 16.37 11.60 -15.62
CA LYS B 138 15.35 12.33 -16.40
C LYS B 138 13.90 11.96 -16.02
N SER B 139 13.69 10.76 -15.46
CA SER B 139 12.35 10.35 -15.01
C SER B 139 11.82 11.28 -13.94
N ARG B 140 10.59 11.75 -14.11
CA ARG B 140 9.82 12.32 -12.99
C ARG B 140 8.67 11.36 -12.73
N VAL B 141 8.69 10.69 -11.58
CA VAL B 141 7.62 9.75 -11.27
C VAL B 141 7.10 9.93 -9.85
N LYS B 142 5.84 9.55 -9.64
CA LYS B 142 5.17 9.72 -8.35
C LYS B 142 4.32 8.50 -8.08
N GLY B 143 3.97 8.30 -6.81
CA GLY B 143 2.95 7.34 -6.47
C GLY B 143 3.40 5.91 -6.32
N TYR B 144 2.42 5.01 -6.32
CA TYR B 144 2.65 3.62 -5.91
C TYR B 144 1.97 2.66 -6.83
N LEU B 145 2.48 1.42 -6.85
CA LEU B 145 1.89 0.33 -7.59
C LEU B 145 1.41 -0.70 -6.57
N ARG B 146 0.14 -1.09 -6.68
CA ARG B 146 -0.46 -2.02 -5.72
C ARG B 146 -0.52 -3.40 -6.34
N LEU B 147 0.05 -4.36 -5.62
CA LEU B 147 0.20 -5.72 -6.12
C LEU B 147 -0.12 -6.76 -5.06
N LYS B 148 -0.54 -7.92 -5.52
CA LYS B 148 -0.62 -9.08 -4.63
C LYS B 148 0.02 -10.27 -5.35
N MET B 149 1.00 -10.91 -4.72
CA MET B 149 1.72 -12.01 -5.35
C MET B 149 1.70 -13.21 -4.42
N THR B 150 1.18 -14.32 -4.93
CA THR B 150 1.03 -15.54 -4.14
C THR B 150 1.35 -16.71 -5.04
N TYR B 151 1.79 -17.83 -4.46
CA TYR B 151 2.02 -19.06 -5.23
C TYR B 151 0.81 -19.95 -5.24
N LEU B 152 0.56 -20.58 -6.38
CA LEU B 152 -0.46 -21.63 -6.49
C LEU B 152 -0.05 -22.83 -5.63
N PRO B 153 -1.05 -23.53 -5.04
CA PRO B 153 -0.77 -24.75 -4.31
C PRO B 153 -0.64 -25.96 -5.23
#